data_7A77
#
_entry.id   7A77
#
_cell.length_a   66.189
_cell.length_b   66.189
_cell.length_c   110.599
_cell.angle_alpha   90.000
_cell.angle_beta   90.000
_cell.angle_gamma   90.000
#
_symmetry.space_group_name_H-M   'P 43 21 2'
#
loop_
_entity.id
_entity.type
_entity.pdbx_description
1 polymer 'Retinoic acid receptor RXR-alpha'
2 polymer 'Nuclear receptor coactivator 2'
3 non-polymer 1,2-ETHANEDIOL
4 non-polymer 'PALMITIC ACID'
5 non-polymer 'CHLORIDE ION'
6 water water
#
loop_
_entity_poly.entity_id
_entity_poly.type
_entity_poly.pdbx_seq_one_letter_code
_entity_poly.pdbx_strand_id
1 'polypeptide(L)'
;SMTSSANEDMPVERILEAELAVEPKTETYVEANMGLNPSSPNDPVTNICQAADKQLFTLVEWAKRIPHFSELPLDDQVIL
LRAGWNELLIASFSHRSIAVKDGILLATGLHVHRNSAHSAGVGAIFDRVLTELVSKMRDMQMDKTELGCLRAIVLFNPDS
KGLSNPAEVEALREKVYASLEAYCKHKYPEQPGRFAKLLLRLPALRSIGLKCLEHLFFFKLIGDTPIDTFLMEMLEAPHQ
MT
;
A
2 'polypeptide(L)' KHKILHRLLQDSSY B
#
loop_
_chem_comp.id
_chem_comp.type
_chem_comp.name
_chem_comp.formula
CL non-polymer 'CHLORIDE ION' 'Cl -1'
EDO non-polymer 1,2-ETHANEDIOL 'C2 H6 O2'
PLM non-polymer 'PALMITIC ACID' 'C16 H32 O2'
#
# COMPACT_ATOMS: atom_id res chain seq x y z
N SER A 5 19.44 -17.56 -6.91
CA SER A 5 19.63 -16.80 -8.18
C SER A 5 18.63 -15.63 -8.24
N ALA A 6 17.33 -15.94 -8.18
CA ALA A 6 16.23 -14.97 -7.95
C ALA A 6 16.65 -13.99 -6.86
N ASN A 7 16.95 -14.54 -5.68
CA ASN A 7 17.10 -13.76 -4.44
C ASN A 7 18.23 -12.75 -4.60
N GLU A 8 19.33 -13.10 -5.31
CA GLU A 8 20.58 -12.28 -5.37
C GLU A 8 20.31 -10.89 -6.01
N ASP A 9 19.67 -10.78 -7.17
CA ASP A 9 19.44 -9.42 -7.73
C ASP A 9 18.24 -8.70 -7.07
N MET A 10 17.33 -9.44 -6.47
CA MET A 10 16.18 -8.81 -5.73
C MET A 10 15.94 -9.59 -4.43
N PRO A 11 16.78 -9.39 -3.41
CA PRO A 11 16.71 -10.23 -2.23
C PRO A 11 15.49 -9.92 -1.35
N VAL A 12 14.76 -10.94 -0.95
CA VAL A 12 13.55 -10.74 -0.11
C VAL A 12 13.98 -10.16 1.24
N GLU A 13 15.23 -10.41 1.70
CA GLU A 13 15.74 -9.82 2.96
C GLU A 13 15.69 -8.30 2.91
N ARG A 14 16.05 -7.71 1.78
CA ARG A 14 16.05 -6.23 1.63
C ARG A 14 14.61 -5.71 1.58
N ILE A 15 13.70 -6.46 0.99
CA ILE A 15 12.28 -6.03 0.91
C ILE A 15 11.67 -6.11 2.31
N LEU A 16 11.95 -7.17 3.06
CA LEU A 16 11.51 -7.22 4.46
C LEU A 16 12.12 -6.04 5.25
N GLU A 17 13.41 -5.76 5.08
CA GLU A 17 14.07 -4.66 5.80
C GLU A 17 13.36 -3.34 5.50
N ALA A 18 12.89 -3.15 4.27
CA ALA A 18 12.17 -1.92 3.87
C ALA A 18 10.86 -1.84 4.66
N GLU A 19 10.11 -2.93 4.70
CA GLU A 19 8.89 -3.00 5.54
C GLU A 19 9.23 -2.68 6.99
N LEU A 20 10.17 -3.37 7.59
CA LEU A 20 10.44 -3.20 9.04
C LEU A 20 10.94 -1.79 9.32
N ALA A 21 11.64 -1.16 8.38
CA ALA A 21 12.25 0.17 8.61
C ALA A 21 11.14 1.22 8.78
N VAL A 22 9.99 1.06 8.14
CA VAL A 22 8.97 2.14 8.06
C VAL A 22 7.74 1.86 8.93
N GLU A 23 7.66 0.72 9.65
CA GLU A 23 6.55 0.37 10.60
C GLU A 23 6.30 1.45 11.66
N PRO A 24 5.02 1.83 11.93
CA PRO A 24 4.71 2.82 12.97
C PRO A 24 4.91 2.22 14.36
N LYS A 25 5.28 3.06 15.34
CA LYS A 25 5.49 2.66 16.76
C LYS A 25 4.26 3.07 17.58
N THR A 26 3.18 2.28 17.50
CA THR A 26 1.91 2.50 18.26
C THR A 26 1.76 1.44 19.37
N GLU A 27 1.78 1.89 20.62
CA GLU A 27 1.69 1.02 21.83
C GLU A 27 0.24 0.56 22.04
N THR A 28 -0.73 1.50 21.97
CA THR A 28 -2.18 1.24 22.25
C THR A 28 -3.04 2.14 21.34
N TYR A 29 -3.93 1.52 20.56
CA TYR A 29 -4.86 2.22 19.63
C TYR A 29 -6.00 2.84 20.40
N VAL A 30 -6.56 3.91 19.87
CA VAL A 30 -7.80 4.50 20.42
C VAL A 30 -8.72 4.76 19.24
N GLU A 31 -10.02 4.76 19.46
CA GLU A 31 -10.97 5.01 18.37
C GLU A 31 -10.77 6.46 17.92
N ALA A 32 -10.80 6.68 16.61
CA ALA A 32 -10.56 7.97 15.92
C ALA A 32 -11.36 9.10 16.57
N ASN A 42 -15.47 13.48 15.45
CA ASN A 42 -16.36 14.05 14.43
C ASN A 42 -16.39 13.11 13.20
N ASP A 43 -15.30 13.02 12.42
CA ASP A 43 -15.34 12.35 11.10
C ASP A 43 -14.15 11.38 10.95
N PRO A 44 -14.36 10.04 10.97
CA PRO A 44 -13.28 9.14 10.72
C PRO A 44 -12.63 9.36 9.36
N VAL A 45 -13.39 9.86 8.38
CA VAL A 45 -12.80 10.09 7.04
C VAL A 45 -11.70 11.15 7.17
N THR A 46 -11.87 12.15 7.99
CA THR A 46 -10.81 13.16 8.23
C THR A 46 -9.60 12.48 8.82
N ASN A 47 -9.78 11.58 9.79
CA ASN A 47 -8.64 10.86 10.40
C ASN A 47 -7.94 9.99 9.33
N ILE A 48 -8.70 9.35 8.47
CA ILE A 48 -8.11 8.46 7.43
C ILE A 48 -7.28 9.31 6.48
N CYS A 49 -7.81 10.46 6.07
CA CYS A 49 -7.09 11.37 5.14
C CYS A 49 -5.83 11.93 5.81
N GLN A 50 -5.86 12.22 7.11
CA GLN A 50 -4.66 12.73 7.83
C GLN A 50 -3.61 11.63 7.86
N ALA A 51 -4.02 10.39 8.09
CA ALA A 51 -3.10 9.24 8.14
C ALA A 51 -2.51 9.00 6.76
N ALA A 52 -3.32 9.15 5.70
CA ALA A 52 -2.83 8.93 4.33
C ALA A 52 -1.75 9.96 4.01
N ASP A 53 -1.97 11.21 4.38
CA ASP A 53 -0.97 12.28 4.11
C ASP A 53 0.32 11.95 4.86
N LYS A 54 0.24 11.59 6.09
CA LYS A 54 1.41 11.20 6.91
C LYS A 54 2.15 10.05 6.22
N GLN A 55 1.43 9.05 5.79
CA GLN A 55 2.05 7.84 5.28
C GLN A 55 2.59 8.04 3.87
N LEU A 56 2.21 9.09 3.14
CA LEU A 56 2.84 9.33 1.83
C LEU A 56 4.32 9.69 2.02
N PHE A 57 4.63 10.43 3.06
CA PHE A 57 6.05 10.73 3.35
C PHE A 57 6.82 9.44 3.63
N THR A 58 6.25 8.57 4.43
CA THR A 58 6.86 7.29 4.78
C THR A 58 6.95 6.41 3.54
N LEU A 59 5.97 6.48 2.63
CA LEU A 59 6.00 5.64 1.41
C LEU A 59 7.22 5.95 0.56
N VAL A 60 7.59 7.21 0.45
CA VAL A 60 8.77 7.59 -0.36
C VAL A 60 10.01 6.95 0.27
N GLU A 61 10.11 6.95 1.59
CA GLU A 61 11.26 6.33 2.29
C GLU A 61 11.26 4.81 2.05
N TRP A 62 10.11 4.19 2.09
CA TRP A 62 9.97 2.75 1.81
C TRP A 62 10.49 2.47 0.41
N ALA A 63 10.02 3.22 -0.57
CA ALA A 63 10.35 2.93 -1.97
C ALA A 63 11.86 3.07 -2.22
N LYS A 64 12.50 4.05 -1.60
CA LYS A 64 13.97 4.22 -1.72
C LYS A 64 14.69 2.98 -1.21
N ARG A 65 14.11 2.25 -0.29
CA ARG A 65 14.75 1.06 0.30
C ARG A 65 14.47 -0.20 -0.53
N ILE A 66 13.63 -0.13 -1.54
CA ILE A 66 13.40 -1.31 -2.40
C ILE A 66 14.52 -1.37 -3.42
N PRO A 67 15.20 -2.52 -3.56
CA PRO A 67 16.35 -2.61 -4.46
C PRO A 67 16.05 -2.08 -5.84
N HIS A 68 16.93 -1.21 -6.33
CA HIS A 68 16.99 -0.68 -7.70
C HIS A 68 16.00 0.45 -7.95
N PHE A 69 15.05 0.72 -7.04
CA PHE A 69 14.07 1.78 -7.31
C PHE A 69 14.76 3.13 -7.48
N SER A 70 15.71 3.44 -6.59
CA SER A 70 16.39 4.75 -6.54
C SER A 70 17.29 4.94 -7.77
N GLU A 71 17.60 3.86 -8.50
CA GLU A 71 18.47 3.84 -9.72
CA GLU A 71 18.47 3.94 -9.70
C GLU A 71 17.64 4.14 -10.96
N LEU A 72 16.31 4.07 -10.86
CA LEU A 72 15.47 4.50 -11.99
C LEU A 72 15.64 6.01 -12.18
N PRO A 73 15.35 6.53 -13.40
CA PRO A 73 15.27 7.95 -13.62
C PRO A 73 14.28 8.60 -12.66
N LEU A 74 14.60 9.78 -12.17
CA LEU A 74 13.73 10.50 -11.24
C LEU A 74 12.31 10.58 -11.82
N ASP A 75 12.13 10.93 -13.10
CA ASP A 75 10.77 11.10 -13.67
C ASP A 75 10.00 9.75 -13.57
N ASP A 76 10.70 8.62 -13.69
CA ASP A 76 10.03 7.30 -13.62
C ASP A 76 9.71 6.94 -12.15
N GLN A 77 10.57 7.30 -11.19
CA GLN A 77 10.26 7.16 -9.76
C GLN A 77 8.97 7.91 -9.43
N VAL A 78 8.86 9.13 -9.94
CA VAL A 78 7.67 9.94 -9.74
C VAL A 78 6.45 9.23 -10.34
N ILE A 79 6.56 8.74 -11.56
CA ILE A 79 5.38 8.11 -12.24
C ILE A 79 4.98 6.87 -11.42
N LEU A 80 5.92 6.08 -10.97
CA LEU A 80 5.56 4.82 -10.26
C LEU A 80 4.89 5.13 -8.93
N LEU A 81 5.37 6.11 -8.20
CA LEU A 81 4.73 6.44 -6.89
C LEU A 81 3.40 7.12 -7.13
N ARG A 82 3.26 7.97 -8.14
CA ARG A 82 1.93 8.56 -8.38
C ARG A 82 0.94 7.48 -8.82
N ALA A 83 1.37 6.48 -9.54
CA ALA A 83 0.47 5.44 -10.05
C ALA A 83 0.09 4.49 -8.91
N GLY A 84 0.99 4.25 -7.97
CA GLY A 84 0.85 3.15 -7.01
C GLY A 84 0.45 3.53 -5.60
N TRP A 85 0.56 4.79 -5.22
CA TRP A 85 0.52 5.15 -3.79
C TRP A 85 -0.72 4.63 -3.09
N ASN A 86 -1.86 4.71 -3.74
N ASN A 86 -1.90 4.73 -3.71
CA ASN A 86 -3.14 4.41 -3.09
CA ASN A 86 -3.15 4.39 -2.99
C ASN A 86 -3.18 2.90 -2.78
C ASN A 86 -3.19 2.89 -2.76
N GLU A 87 -2.87 2.07 -3.76
CA GLU A 87 -2.79 0.61 -3.52
CA GLU A 87 -2.79 0.60 -3.52
C GLU A 87 -1.70 0.30 -2.48
N LEU A 88 -0.55 0.97 -2.55
CA LEU A 88 0.54 0.71 -1.59
C LEU A 88 0.07 1.00 -0.17
N LEU A 89 -0.63 2.12 0.02
CA LEU A 89 -1.07 2.48 1.39
C LEU A 89 -2.17 1.52 1.84
N ILE A 90 -3.10 1.16 0.96
CA ILE A 90 -4.20 0.25 1.33
C ILE A 90 -3.64 -1.14 1.72
N ALA A 91 -2.67 -1.64 0.98
CA ALA A 91 -2.08 -2.95 1.31
C ALA A 91 -1.48 -2.86 2.71
N SER A 92 -0.77 -1.77 3.02
CA SER A 92 -0.10 -1.62 4.33
CA SER A 92 -0.09 -1.61 4.32
C SER A 92 -1.11 -1.56 5.47
N PHE A 93 -2.14 -0.71 5.39
CA PHE A 93 -3.05 -0.59 6.56
C PHE A 93 -3.86 -1.86 6.67
N SER A 94 -4.13 -2.52 5.57
CA SER A 94 -4.91 -3.80 5.59
C SER A 94 -4.12 -4.85 6.35
N HIS A 95 -2.84 -5.01 6.03
CA HIS A 95 -2.00 -6.00 6.72
C HIS A 95 -1.83 -5.62 8.21
N ARG A 96 -1.66 -4.35 8.51
CA ARG A 96 -1.54 -3.87 9.90
C ARG A 96 -2.79 -4.26 10.70
N SER A 97 -3.94 -4.36 10.05
CA SER A 97 -5.27 -4.52 10.68
C SER A 97 -5.61 -6.00 10.93
N ILE A 98 -4.75 -6.93 10.57
CA ILE A 98 -5.12 -8.36 10.82
CA ILE A 98 -5.02 -8.39 10.83
C ILE A 98 -5.26 -8.61 12.34
N ALA A 99 -4.72 -7.72 13.15
CA ALA A 99 -4.67 -7.76 14.62
C ALA A 99 -6.04 -7.44 15.24
N VAL A 100 -6.95 -6.78 14.51
CA VAL A 100 -8.28 -6.42 15.08
C VAL A 100 -9.39 -7.03 14.27
N LYS A 101 -10.60 -7.10 14.83
N LYS A 101 -10.54 -7.20 14.90
CA LYS A 101 -11.68 -7.98 14.30
CA LYS A 101 -11.75 -7.60 14.19
C LYS A 101 -12.63 -7.17 13.40
C LYS A 101 -12.60 -6.34 14.09
N ASP A 102 -12.90 -5.93 13.73
N ASP A 102 -13.18 -6.12 12.96
CA ASP A 102 -13.96 -5.22 12.97
CA ASP A 102 -14.24 -5.12 12.90
C ASP A 102 -13.53 -3.79 12.74
C ASP A 102 -13.60 -3.74 12.79
N GLY A 103 -12.31 -3.63 12.33
CA GLY A 103 -11.74 -2.30 12.18
C GLY A 103 -10.44 -2.25 11.45
N ILE A 104 -9.97 -1.02 11.27
CA ILE A 104 -8.63 -0.81 10.69
CA ILE A 104 -8.67 -0.71 10.62
C ILE A 104 -7.77 0.04 11.61
N LEU A 105 -6.51 -0.26 11.61
CA LEU A 105 -5.50 0.43 12.40
C LEU A 105 -4.77 1.40 11.49
N LEU A 106 -4.85 2.68 11.81
CA LEU A 106 -4.14 3.75 11.05
C LEU A 106 -2.75 3.92 11.63
N ALA A 107 -1.85 4.46 10.84
CA ALA A 107 -0.46 4.69 11.26
C ALA A 107 -0.34 5.75 12.34
N THR A 108 -1.38 6.55 12.54
CA THR A 108 -1.44 7.63 13.53
C THR A 108 -1.78 7.08 14.91
N GLY A 109 -2.04 5.77 15.02
CA GLY A 109 -2.41 5.15 16.30
C GLY A 109 -3.88 5.22 16.58
N LEU A 110 -4.66 5.51 15.58
CA LEU A 110 -6.12 5.53 15.70
C LEU A 110 -6.69 4.27 15.06
N HIS A 111 -7.76 3.78 15.62
CA HIS A 111 -8.54 2.66 15.08
C HIS A 111 -9.79 3.26 14.48
N VAL A 112 -10.21 2.73 13.38
CA VAL A 112 -11.53 3.06 12.85
C VAL A 112 -12.37 1.80 12.85
N HIS A 113 -13.43 1.82 13.61
CA HIS A 113 -14.34 0.67 13.71
C HIS A 113 -15.22 0.62 12.49
N ARG A 114 -15.60 -0.56 12.10
CA ARG A 114 -16.67 -0.80 11.09
CA ARG A 114 -16.61 -0.72 11.02
C ARG A 114 -17.83 0.15 11.35
N ASN A 115 -18.28 0.21 12.58
CA ASN A 115 -19.50 0.96 12.87
C ASN A 115 -19.27 2.46 12.58
N SER A 116 -18.09 2.98 12.93
CA SER A 116 -17.70 4.39 12.69
C SER A 116 -17.68 4.65 11.18
N ALA A 117 -17.11 3.76 10.39
CA ALA A 117 -17.03 3.91 8.94
C ALA A 117 -18.45 3.95 8.37
N HIS A 118 -19.31 3.02 8.76
CA HIS A 118 -20.70 3.01 8.26
C HIS A 118 -21.40 4.31 8.65
N SER A 119 -21.19 4.77 9.85
CA SER A 119 -21.83 5.97 10.39
C SER A 119 -21.32 7.23 9.69
N ALA A 120 -20.23 7.13 8.95
CA ALA A 120 -19.63 8.28 8.21
C ALA A 120 -19.96 8.19 6.73
N GLY A 121 -20.73 7.21 6.31
CA GLY A 121 -21.16 7.09 4.89
C GLY A 121 -20.17 6.40 4.00
N VAL A 122 -19.18 5.70 4.54
CA VAL A 122 -18.17 4.94 3.76
C VAL A 122 -18.19 3.44 4.13
N GLY A 123 -19.32 2.95 4.55
CA GLY A 123 -19.43 1.55 4.98
C GLY A 123 -19.11 0.57 3.89
N ALA A 124 -19.61 0.75 2.68
CA ALA A 124 -19.47 -0.27 1.62
C ALA A 124 -18.00 -0.48 1.31
N ILE A 125 -17.21 0.57 1.12
CA ILE A 125 -15.78 0.35 0.76
C ILE A 125 -15.03 -0.22 1.96
N PHE A 126 -15.40 0.24 3.14
CA PHE A 126 -14.75 -0.26 4.37
C PHE A 126 -14.97 -1.77 4.45
N ASP A 127 -16.18 -2.22 4.19
CA ASP A 127 -16.50 -3.67 4.23
C ASP A 127 -15.68 -4.43 3.17
N ARG A 128 -15.52 -3.89 1.99
CA ARG A 128 -14.66 -4.54 0.96
C ARG A 128 -13.24 -4.69 1.48
N VAL A 129 -12.69 -3.66 2.10
CA VAL A 129 -11.32 -3.76 2.66
C VAL A 129 -11.29 -4.91 3.68
N LEU A 130 -12.28 -4.98 4.57
CA LEU A 130 -12.21 -6.01 5.62
C LEU A 130 -12.36 -7.39 5.01
N THR A 131 -13.24 -7.55 4.07
CA THR A 131 -13.62 -8.88 3.55
CA THR A 131 -13.64 -8.89 3.53
C THR A 131 -12.59 -9.36 2.51
N GLU A 132 -12.20 -8.51 1.60
CA GLU A 132 -11.36 -8.96 0.47
C GLU A 132 -9.88 -8.84 0.80
N LEU A 133 -9.47 -7.97 1.72
CA LEU A 133 -8.05 -7.80 2.05
C LEU A 133 -7.74 -8.25 3.46
N VAL A 134 -8.25 -7.62 4.48
CA VAL A 134 -7.81 -7.91 5.85
C VAL A 134 -8.11 -9.36 6.18
N SER A 135 -9.32 -9.83 5.97
CA SER A 135 -9.72 -11.17 6.40
CA SER A 135 -9.71 -11.17 6.41
C SER A 135 -8.92 -12.23 5.63
N LYS A 136 -8.64 -11.97 4.37
CA LYS A 136 -7.90 -12.91 3.51
C LYS A 136 -6.42 -12.94 3.92
N MET A 137 -5.83 -11.80 4.22
CA MET A 137 -4.45 -11.72 4.77
C MET A 137 -4.37 -12.48 6.08
N ARG A 138 -5.38 -12.31 6.93
CA ARG A 138 -5.42 -13.01 8.24
C ARG A 138 -5.57 -14.52 8.01
N ASP A 139 -6.48 -14.93 7.16
CA ASP A 139 -6.85 -16.38 6.93
C ASP A 139 -5.58 -17.13 6.48
N MET A 140 -4.77 -16.53 5.60
CA MET A 140 -3.58 -17.22 5.08
C MET A 140 -2.33 -16.86 5.90
N GLN A 141 -2.43 -16.02 6.93
CA GLN A 141 -1.26 -15.59 7.74
C GLN A 141 -0.21 -15.02 6.80
N MET A 142 -0.65 -14.15 5.89
CA MET A 142 0.32 -13.45 5.02
C MET A 142 1.43 -12.80 5.88
N ASP A 143 2.69 -13.04 5.57
CA ASP A 143 3.78 -12.54 6.40
C ASP A 143 4.33 -11.24 5.83
N LYS A 144 5.21 -10.58 6.58
CA LYS A 144 5.70 -9.22 6.20
C LYS A 144 6.58 -9.30 4.96
N THR A 145 7.28 -10.39 4.73
CA THR A 145 8.10 -10.57 3.50
C THR A 145 7.13 -10.63 2.30
N GLU A 146 6.07 -11.40 2.43
CA GLU A 146 5.09 -11.55 1.32
C GLU A 146 4.42 -10.20 1.06
N LEU A 147 3.99 -9.51 2.13
CA LEU A 147 3.40 -8.18 1.98
C LEU A 147 4.39 -7.26 1.24
N GLY A 148 5.63 -7.21 1.69
CA GLY A 148 6.63 -6.35 1.09
C GLY A 148 6.80 -6.66 -0.40
N CYS A 149 6.85 -7.93 -0.75
CA CYS A 149 6.99 -8.36 -2.15
C CYS A 149 5.76 -7.95 -2.96
N LEU A 150 4.56 -8.15 -2.43
CA LEU A 150 3.36 -7.73 -3.17
C LEU A 150 3.43 -6.22 -3.38
N ARG A 151 3.79 -5.47 -2.36
CA ARG A 151 3.91 -4.01 -2.50
C ARG A 151 4.95 -3.65 -3.55
N ALA A 152 6.10 -4.33 -3.55
CA ALA A 152 7.13 -4.05 -4.58
C ALA A 152 6.64 -4.39 -5.97
N ILE A 153 5.85 -5.44 -6.14
CA ILE A 153 5.21 -5.73 -7.44
C ILE A 153 4.30 -4.56 -7.84
N VAL A 154 3.47 -4.08 -6.92
CA VAL A 154 2.59 -2.94 -7.23
C VAL A 154 3.44 -1.72 -7.61
N LEU A 155 4.49 -1.46 -6.89
CA LEU A 155 5.36 -0.28 -7.14
C LEU A 155 5.92 -0.37 -8.55
N PHE A 156 6.51 -1.50 -8.89
CA PHE A 156 7.11 -1.73 -10.23
C PHE A 156 6.01 -2.11 -11.25
N ASN A 157 5.16 -1.16 -11.55
CA ASN A 157 4.00 -1.36 -12.45
C ASN A 157 4.36 -0.91 -13.84
N PRO A 158 4.69 -1.83 -14.76
CA PRO A 158 5.18 -1.45 -16.08
C PRO A 158 4.08 -0.90 -17.00
N ASP A 159 2.83 -0.90 -16.55
CA ASP A 159 1.72 -0.33 -17.32
C ASP A 159 1.58 1.16 -17.01
N SER A 160 2.33 1.70 -16.07
CA SER A 160 2.22 3.13 -15.71
C SER A 160 2.50 4.01 -16.93
N LYS A 161 1.65 4.98 -17.22
CA LYS A 161 1.74 5.77 -18.47
C LYS A 161 2.93 6.72 -18.36
N GLY A 162 3.71 6.84 -19.39
CA GLY A 162 4.75 7.85 -19.47
C GLY A 162 6.13 7.34 -19.04
N LEU A 163 6.27 6.08 -18.63
CA LEU A 163 7.60 5.58 -18.23
C LEU A 163 8.58 5.73 -19.38
N SER A 164 9.81 6.13 -19.08
CA SER A 164 10.88 6.28 -20.09
C SER A 164 11.30 4.89 -20.60
N ASN A 165 11.24 3.86 -19.77
CA ASN A 165 11.71 2.50 -20.17
C ASN A 165 10.86 1.46 -19.46
N PRO A 166 9.65 1.22 -19.96
CA PRO A 166 8.75 0.27 -19.33
C PRO A 166 9.38 -1.12 -19.21
N ALA A 167 10.21 -1.52 -20.16
CA ALA A 167 10.84 -2.86 -20.13
C ALA A 167 11.71 -2.99 -18.86
N GLU A 168 12.40 -1.93 -18.40
CA GLU A 168 13.27 -2.06 -17.19
C GLU A 168 12.36 -2.23 -15.95
N VAL A 169 11.21 -1.59 -15.93
CA VAL A 169 10.28 -1.75 -14.78
C VAL A 169 9.69 -3.15 -14.82
N GLU A 170 9.34 -3.64 -15.99
CA GLU A 170 8.85 -5.02 -16.15
C GLU A 170 9.90 -5.97 -15.59
N ALA A 171 11.16 -5.75 -15.90
CA ALA A 171 12.23 -6.65 -15.47
C ALA A 171 12.35 -6.62 -13.95
N LEU A 172 12.19 -5.46 -13.32
CA LEU A 172 12.23 -5.37 -11.84
C LEU A 172 11.05 -6.10 -11.23
N ARG A 173 9.86 -5.94 -11.77
CA ARG A 173 8.69 -6.69 -11.32
C ARG A 173 8.95 -8.19 -11.39
N GLU A 174 9.51 -8.67 -12.49
CA GLU A 174 9.78 -10.10 -12.68
C GLU A 174 10.79 -10.56 -11.64
N LYS A 175 11.75 -9.75 -11.31
CA LYS A 175 12.75 -10.14 -10.28
C LYS A 175 12.03 -10.25 -8.93
N VAL A 176 11.12 -9.35 -8.61
CA VAL A 176 10.41 -9.46 -7.32
C VAL A 176 9.59 -10.76 -7.32
N TYR A 177 8.79 -11.01 -8.35
CA TYR A 177 7.91 -12.20 -8.25
C TYR A 177 8.72 -13.49 -8.34
N ALA A 178 9.87 -13.51 -8.96
CA ALA A 178 10.71 -14.72 -8.93
C ALA A 178 11.24 -14.94 -7.52
N SER A 179 11.64 -13.86 -6.85
CA SER A 179 12.14 -13.94 -5.46
C SER A 179 11.00 -14.35 -4.50
N LEU A 180 9.81 -13.81 -4.66
CA LEU A 180 8.67 -14.14 -3.81
C LEU A 180 8.32 -15.61 -3.99
N GLU A 181 8.26 -16.08 -5.21
CA GLU A 181 7.92 -17.51 -5.42
C GLU A 181 8.96 -18.40 -4.70
N ALA A 182 10.24 -18.12 -4.84
CA ALA A 182 11.29 -18.92 -4.21
C ALA A 182 11.09 -18.92 -2.69
N TYR A 183 10.80 -17.75 -2.14
CA TYR A 183 10.58 -17.56 -0.69
C TYR A 183 9.40 -18.43 -0.26
N CYS A 184 8.31 -18.39 -0.99
CA CYS A 184 7.09 -19.14 -0.65
C CYS A 184 7.36 -20.64 -0.72
N LYS A 185 8.10 -21.10 -1.74
CA LYS A 185 8.38 -22.55 -1.88
C LYS A 185 9.27 -23.03 -0.74
N HIS A 186 10.21 -22.20 -0.31
CA HIS A 186 11.16 -22.55 0.75
C HIS A 186 10.45 -22.54 2.11
N LYS A 187 9.67 -21.50 2.41
CA LYS A 187 9.10 -21.29 3.75
C LYS A 187 7.78 -22.07 3.92
N TYR A 188 7.00 -22.22 2.85
CA TYR A 188 5.65 -22.83 2.89
C TYR A 188 5.56 -23.93 1.85
N PRO A 189 6.45 -24.95 1.88
CA PRO A 189 6.46 -25.98 0.83
C PRO A 189 5.18 -26.84 0.84
N GLU A 190 4.46 -26.86 1.97
CA GLU A 190 3.22 -27.60 2.12
C GLU A 190 2.05 -26.89 1.46
N GLN A 191 2.24 -25.64 0.99
CA GLN A 191 1.19 -24.85 0.35
C GLN A 191 1.62 -24.52 -1.06
N PRO A 192 1.51 -25.44 -2.00
CA PRO A 192 1.97 -25.16 -3.36
C PRO A 192 1.21 -24.03 -4.05
N GLY A 193 0.01 -23.72 -3.58
CA GLY A 193 -0.82 -22.66 -4.20
C GLY A 193 -0.57 -21.30 -3.62
N ARG A 194 0.32 -21.17 -2.66
CA ARG A 194 0.39 -19.92 -1.86
C ARG A 194 0.81 -18.75 -2.72
N PHE A 195 1.79 -18.93 -3.57
CA PHE A 195 2.32 -17.84 -4.42
C PHE A 195 1.18 -17.27 -5.30
N ALA A 196 0.43 -18.16 -5.94
CA ALA A 196 -0.72 -17.75 -6.78
C ALA A 196 -1.74 -17.03 -5.89
N LYS A 197 -2.02 -17.59 -4.69
CA LYS A 197 -3.02 -16.97 -3.80
C LYS A 197 -2.60 -15.53 -3.44
N LEU A 198 -1.31 -15.30 -3.21
CA LEU A 198 -0.83 -13.92 -2.94
C LEU A 198 -1.12 -13.04 -4.17
N LEU A 199 -0.69 -13.47 -5.35
CA LEU A 199 -0.86 -12.65 -6.55
C LEU A 199 -2.33 -12.38 -6.78
N LEU A 200 -3.21 -13.31 -6.44
CA LEU A 200 -4.64 -13.16 -6.77
C LEU A 200 -5.35 -12.26 -5.77
N ARG A 201 -4.66 -11.64 -4.85
CA ARG A 201 -5.22 -10.49 -4.07
C ARG A 201 -5.05 -9.17 -4.85
N LEU A 202 -4.21 -9.13 -5.87
CA LEU A 202 -3.89 -7.87 -6.53
C LEU A 202 -5.07 -7.34 -7.33
N PRO A 203 -5.94 -8.14 -7.94
CA PRO A 203 -7.11 -7.55 -8.60
C PRO A 203 -8.04 -6.88 -7.60
N ALA A 204 -8.27 -7.51 -6.45
CA ALA A 204 -9.12 -6.90 -5.41
C ALA A 204 -8.46 -5.61 -4.95
N LEU A 205 -7.17 -5.61 -4.75
CA LEU A 205 -6.46 -4.38 -4.30
C LEU A 205 -6.65 -3.28 -5.33
N ARG A 206 -6.55 -3.60 -6.61
CA ARG A 206 -6.70 -2.61 -7.68
C ARG A 206 -8.11 -2.01 -7.64
N SER A 207 -9.13 -2.84 -7.55
CA SER A 207 -10.54 -2.42 -7.52
CA SER A 207 -10.53 -2.36 -7.56
C SER A 207 -10.79 -1.55 -6.29
N ILE A 208 -10.31 -2.00 -5.15
CA ILE A 208 -10.55 -1.22 -3.90
C ILE A 208 -9.79 0.09 -4.01
N GLY A 209 -8.56 0.09 -4.52
CA GLY A 209 -7.85 1.37 -4.72
C GLY A 209 -8.60 2.30 -5.62
N LEU A 210 -9.15 1.83 -6.70
CA LEU A 210 -9.90 2.72 -7.60
C LEU A 210 -11.09 3.33 -6.85
N LYS A 211 -11.83 2.55 -6.07
CA LYS A 211 -13.01 3.07 -5.37
C LYS A 211 -12.58 4.05 -4.29
N CYS A 212 -11.49 3.77 -3.59
CA CYS A 212 -11.01 4.71 -2.56
C CYS A 212 -10.61 6.03 -3.21
N LEU A 213 -9.99 5.99 -4.38
CA LEU A 213 -9.58 7.23 -5.09
C LEU A 213 -10.83 8.00 -5.52
N GLU A 214 -11.88 7.33 -5.98
CA GLU A 214 -13.14 7.98 -6.34
C GLU A 214 -13.70 8.72 -5.10
N HIS A 215 -13.71 8.05 -3.94
CA HIS A 215 -14.14 8.72 -2.68
C HIS A 215 -13.31 9.97 -2.46
N LEU A 216 -11.99 9.84 -2.51
CA LEU A 216 -11.09 10.98 -2.16
C LEU A 216 -11.37 12.16 -3.09
N PHE A 217 -11.60 11.92 -4.38
CA PHE A 217 -11.93 13.00 -5.33
C PHE A 217 -13.25 13.65 -4.96
N PHE A 218 -14.20 12.85 -4.47
CA PHE A 218 -15.47 13.41 -4.03
C PHE A 218 -15.25 14.26 -2.78
N PHE A 219 -14.45 13.79 -1.83
CA PHE A 219 -14.22 14.54 -0.58
C PHE A 219 -13.60 15.87 -0.91
N LYS A 220 -12.65 15.88 -1.84
CA LYS A 220 -12.02 17.11 -2.34
C LYS A 220 -13.07 18.03 -2.98
N LEU A 221 -13.94 17.49 -3.83
CA LEU A 221 -14.96 18.27 -4.56
C LEU A 221 -15.89 18.94 -3.56
N ILE A 222 -16.43 18.17 -2.60
CA ILE A 222 -17.48 18.69 -1.66
C ILE A 222 -16.86 19.72 -0.73
N GLY A 223 -15.59 19.53 -0.37
CA GLY A 223 -14.77 20.52 0.35
C GLY A 223 -15.01 20.51 1.85
N ASP A 224 -15.64 19.48 2.36
CA ASP A 224 -16.03 19.40 3.80
C ASP A 224 -15.07 18.50 4.57
N THR A 225 -13.95 18.07 3.95
CA THR A 225 -12.98 17.15 4.54
C THR A 225 -11.59 17.76 4.32
N PRO A 226 -10.85 18.12 5.39
CA PRO A 226 -9.50 18.62 5.26
C PRO A 226 -8.59 17.62 4.52
N ILE A 227 -7.83 18.11 3.54
CA ILE A 227 -6.92 17.26 2.75
C ILE A 227 -5.56 17.95 2.72
N ASP A 228 -4.58 17.36 3.40
CA ASP A 228 -3.27 17.99 3.63
C ASP A 228 -2.42 17.95 2.32
N THR A 229 -1.28 18.60 2.35
CA THR A 229 -0.59 19.05 1.12
C THR A 229 -0.15 17.88 0.25
N PHE A 230 0.37 16.80 0.81
CA PHE A 230 0.92 15.72 -0.05
C PHE A 230 -0.22 14.93 -0.67
N LEU A 231 -1.21 14.62 0.14
CA LEU A 231 -2.42 13.93 -0.38
C LEU A 231 -3.04 14.82 -1.46
N MET A 232 -3.12 16.12 -1.24
CA MET A 232 -3.67 17.05 -2.26
C MET A 232 -2.82 16.97 -3.53
N GLU A 233 -1.50 16.95 -3.41
CA GLU A 233 -0.61 16.88 -4.60
C GLU A 233 -0.87 15.60 -5.37
N MET A 234 -1.08 14.50 -4.71
CA MET A 234 -1.35 13.21 -5.40
C MET A 234 -2.69 13.30 -6.14
N LEU A 235 -3.63 14.13 -5.71
CA LEU A 235 -4.94 14.27 -6.41
C LEU A 235 -4.84 15.26 -7.58
N GLU A 236 -3.69 15.90 -7.81
CA GLU A 236 -3.52 16.85 -8.95
C GLU A 236 -3.35 16.08 -10.27
N ALA A 237 -3.84 16.69 -11.35
CA ALA A 237 -3.71 16.17 -12.72
C ALA A 237 -2.23 16.07 -13.07
N PRO A 238 -1.82 15.12 -13.93
CA PRO A 238 -0.44 15.08 -14.41
C PRO A 238 -0.08 16.28 -15.31
N LYS B 1 4.30 18.94 -12.36
CA LYS B 1 4.44 19.74 -11.08
C LYS B 1 5.07 18.84 -9.99
N HIS B 2 4.26 18.28 -9.10
CA HIS B 2 4.64 17.26 -8.10
C HIS B 2 5.81 17.78 -7.25
N LYS B 3 5.64 18.95 -6.67
CA LYS B 3 6.74 19.64 -5.96
C LYS B 3 7.23 18.79 -4.78
N ILE B 4 6.35 18.34 -3.91
CA ILE B 4 6.73 17.64 -2.68
C ILE B 4 7.42 16.32 -3.04
N LEU B 5 6.82 15.56 -3.93
CA LEU B 5 7.35 14.24 -4.30
C LEU B 5 8.75 14.36 -4.91
N HIS B 6 9.01 15.32 -5.77
CA HIS B 6 10.36 15.52 -6.34
C HIS B 6 11.35 15.82 -5.20
N ARG B 7 10.96 16.70 -4.29
CA ARG B 7 11.87 17.14 -3.20
C ARG B 7 12.24 15.92 -2.35
N LEU B 8 11.27 15.05 -2.03
CA LEU B 8 11.51 13.93 -1.12
C LEU B 8 12.33 12.84 -1.81
N LEU B 9 12.21 12.73 -3.11
CA LEU B 9 12.94 11.68 -3.88
C LEU B 9 14.42 12.07 -4.06
N GLN B 10 14.70 13.38 -4.11
CA GLN B 10 16.06 13.91 -4.42
C GLN B 10 16.90 13.60 -3.23
N ASP B 11 16.38 14.02 -2.09
CA ASP B 11 17.15 14.16 -0.83
C ASP B 11 17.66 12.76 -0.45
N SER B 12 18.99 12.55 -0.52
CA SER B 12 19.67 11.24 -0.39
C SER B 12 20.43 11.15 0.93
C1 EDO C . -5.96 3.40 -7.89
O1 EDO C . -5.41 3.36 -6.61
C2 EDO C . -5.71 2.17 -8.62
O2 EDO C . -6.04 1.02 -7.88
C1 PLM D . -2.41 4.42 7.20
O1 PLM D . -2.82 4.86 8.28
O2 PLM D . -1.67 3.44 7.10
C2 PLM D . -2.77 5.19 5.94
C3 PLM D . -4.18 5.13 5.50
C4 PLM D . -4.33 5.43 4.01
C5 PLM D . -5.72 5.43 3.48
C6 PLM D . -5.78 5.58 1.96
C7 PLM D . -7.14 5.41 1.41
C8 PLM D . -8.06 6.54 1.72
C9 PLM D . -9.26 6.61 0.84
CA PLM D . -10.48 7.20 1.50
CB PLM D . -11.76 6.50 1.16
CC PLM D . -12.81 6.56 2.22
CD PLM D . -12.73 5.51 3.30
CE PLM D . -11.88 4.31 2.98
CF PLM D . -12.05 3.16 3.94
CG PLM D . -10.73 2.59 4.43
CL CL E . 3.10 -7.69 -15.17
C1 EDO F . -17.56 -6.72 6.70
O1 EDO F . -18.82 -7.00 6.12
C2 EDO F . -16.90 -7.92 7.26
O2 EDO F . -16.36 -7.72 8.55
C1 EDO G . 1.60 -21.28 8.30
O1 EDO G . 2.33 -22.39 7.80
C2 EDO G . 1.21 -20.29 7.25
O2 EDO G . -0.04 -20.54 6.66
C1 EDO H . -16.44 -3.41 -8.16
O1 EDO H . -17.67 -2.90 -8.64
C2 EDO H . -15.45 -2.35 -7.91
O2 EDO H . -16.00 -1.06 -7.64
#